data_5W0X
#
_entry.id   5W0X
#
_cell.length_a   63.642
_cell.length_b   63.642
_cell.length_c   102.053
_cell.angle_alpha   90.00
_cell.angle_beta   90.00
_cell.angle_gamma   120.00
#
_symmetry.space_group_name_H-M   'P 63'
#
loop_
_entity.id
_entity.type
_entity.pdbx_description
1 polymer 'TIP41-like protein'
2 water water
#
_entity_poly.entity_id   1
_entity_poly.type   'polypeptide(L)'
_entity_poly.pdbx_seq_one_letter_code
;GSDFSFGPWKLTASKTHI(MSE)KSADVEKLADELH(MSE)PSLPE(MSE)(MSE)FGDNVLRIQHGSGFGIEFNATDAL
RCVNNYQG(MSE)LKVACAEEWQEVIKPYDWTYTTDYKGTLLGESLKLKVVPTTDHIDTEKLKAREQIKFFEEVLLFEDE
LHDHGVSSLSVKIRV(MSE)PSSFFLLLRFFLRIDGVLIR(MSE)NDTRLYHEADKTY(MSE)LREYTSRESKIANL
(MSE)HVPPSLFTEPNEISQYLPIKEAVCEKLVFPERID
;
_entity_poly.pdbx_strand_id   A
#
# COMPACT_ATOMS: atom_id res chain seq x y z
N SER A 2 -16.26 0.78 11.32
CA SER A 2 -15.20 1.56 11.98
C SER A 2 -14.65 2.70 11.08
N ASP A 3 -15.19 3.90 11.24
CA ASP A 3 -14.90 5.07 10.42
C ASP A 3 -14.63 6.30 11.28
N PHE A 4 -14.13 7.35 10.63
CA PHE A 4 -13.71 8.59 11.28
C PHE A 4 -13.85 9.74 10.28
N SER A 5 -14.13 10.95 10.79
CA SER A 5 -14.25 12.15 9.96
C SER A 5 -13.54 13.31 10.63
N PHE A 6 -12.81 14.10 9.83
CA PHE A 6 -12.06 15.26 10.35
C PHE A 6 -12.15 16.41 9.35
N GLY A 7 -13.02 17.37 9.64
CA GLY A 7 -13.22 18.51 8.78
C GLY A 7 -13.73 18.09 7.42
N PRO A 8 -12.96 18.39 6.37
CA PRO A 8 -13.41 18.07 5.02
C PRO A 8 -13.27 16.62 4.65
N TRP A 9 -12.72 15.80 5.52
CA TRP A 9 -12.27 14.47 5.17
C TRP A 9 -13.17 13.40 5.77
N LYS A 10 -13.23 12.27 5.08
CA LYS A 10 -13.98 11.12 5.55
C LYS A 10 -13.12 9.88 5.33
N LEU A 11 -12.95 9.12 6.41
CA LEU A 11 -12.11 7.94 6.45
C LEU A 11 -13.00 6.73 6.63
N THR A 12 -13.08 5.86 5.62
CA THR A 12 -13.82 4.61 5.77
C THR A 12 -12.84 3.43 5.73
N ALA A 13 -13.11 2.43 6.57
CA ALA A 13 -12.30 1.22 6.63
C ALA A 13 -13.19 0.03 6.93
N SER A 14 -12.79 -1.14 6.44
CA SER A 14 -13.36 -2.39 6.88
C SER A 14 -12.27 -3.46 6.90
N LYS A 15 -12.13 -4.14 8.02
CA LYS A 15 -11.23 -5.28 8.19
C LYS A 15 -12.10 -6.54 8.32
N THR A 16 -12.15 -7.33 7.25
CA THR A 16 -12.86 -8.60 7.20
C THR A 16 -11.83 -9.75 7.27
N HIS A 17 -12.31 -10.95 7.00
CA HIS A 17 -11.58 -12.20 6.91
C HIS A 17 -11.29 -12.55 5.46
N ILE A 18 -10.84 -13.80 5.24
CA ILE A 18 -10.49 -14.32 3.92
C ILE A 18 -11.76 -14.68 3.17
N MSE A 19 -11.70 -14.57 1.83
CA MSE A 19 -12.82 -14.99 0.97
C MSE A 19 -13.02 -16.52 1.03
O MSE A 19 -12.19 -17.23 1.61
CB MSE A 19 -12.55 -14.54 -0.48
CG MSE A 19 -12.75 -13.05 -0.72
SE MSE A 19 -12.26 -12.56 -2.56
CE MSE A 19 -13.43 -13.82 -3.52
N LYS A 20 -14.12 -17.01 0.45
CA LYS A 20 -14.42 -18.44 0.37
C LYS A 20 -13.46 -19.13 -0.61
N SER A 21 -13.26 -20.44 -0.42
CA SER A 21 -12.21 -21.17 -1.15
C SER A 21 -12.56 -21.35 -2.64
N ALA A 22 -13.83 -21.64 -2.95
CA ALA A 22 -14.28 -21.59 -4.34
C ALA A 22 -14.56 -20.16 -4.81
N ASP A 23 -14.80 -19.22 -3.89
CA ASP A 23 -15.06 -17.83 -4.24
C ASP A 23 -13.92 -17.20 -5.03
N VAL A 24 -12.69 -17.65 -4.80
CA VAL A 24 -11.52 -17.00 -5.40
C VAL A 24 -11.17 -17.61 -6.76
N GLU A 25 -11.33 -18.91 -6.92
CA GLU A 25 -11.25 -19.48 -8.26
C GLU A 25 -12.18 -18.75 -9.20
N LYS A 26 -13.27 -18.18 -8.66
CA LYS A 26 -14.14 -17.29 -9.42
C LYS A 26 -13.40 -15.99 -9.77
N LEU A 27 -12.94 -15.26 -8.75
CA LEU A 27 -12.24 -13.99 -8.98
C LEU A 27 -10.89 -14.19 -9.66
N ALA A 28 -10.28 -15.37 -9.47
CA ALA A 28 -9.07 -15.69 -10.23
C ALA A 28 -9.35 -15.65 -11.73
N ASP A 29 -10.56 -16.06 -12.12
CA ASP A 29 -10.99 -16.00 -13.51
C ASP A 29 -11.24 -14.56 -13.94
N GLU A 30 -11.88 -13.76 -13.07
CA GLU A 30 -12.23 -12.38 -13.42
C GLU A 30 -11.00 -11.49 -13.60
N LEU A 31 -9.93 -11.76 -12.85
CA LEU A 31 -8.66 -11.08 -13.04
C LEU A 31 -7.76 -11.74 -14.07
N HIS A 32 -8.14 -12.92 -14.54
CA HIS A 32 -7.42 -13.65 -15.58
C HIS A 32 -5.96 -13.89 -15.17
N MSE A 33 -5.82 -14.73 -14.14
CA MSE A 33 -4.53 -15.31 -13.77
C MSE A 33 -4.78 -16.46 -12.78
O MSE A 33 -5.79 -16.46 -12.08
CB MSE A 33 -3.59 -14.26 -13.18
CG MSE A 33 -3.65 -14.06 -11.69
SE MSE A 33 -2.88 -12.33 -11.26
CE MSE A 33 -2.79 -12.46 -9.32
N PRO A 34 -3.86 -17.44 -12.72
CA PRO A 34 -4.26 -18.80 -12.29
C PRO A 34 -4.45 -18.96 -10.80
N SER A 35 -3.72 -18.20 -9.98
CA SER A 35 -3.77 -18.37 -8.53
C SER A 35 -3.83 -17.00 -7.87
N LEU A 36 -4.54 -16.94 -6.75
CA LEU A 36 -4.60 -15.81 -5.84
C LEU A 36 -3.91 -16.15 -4.52
N PRO A 37 -3.43 -15.15 -3.77
CA PRO A 37 -2.75 -15.44 -2.50
C PRO A 37 -3.59 -16.33 -1.60
N GLU A 38 -2.90 -17.12 -0.75
CA GLU A 38 -3.59 -17.95 0.23
C GLU A 38 -4.67 -17.17 0.96
N MSE A 39 -4.29 -16.03 1.50
CA MSE A 39 -5.15 -15.19 2.32
C MSE A 39 -5.56 -13.94 1.60
O MSE A 39 -4.83 -12.96 1.53
CB MSE A 39 -4.44 -14.86 3.59
CG MSE A 39 -4.61 -15.97 4.57
SE MSE A 39 -3.45 -15.67 6.11
CE MSE A 39 -2.18 -17.05 5.82
N MSE A 40 -6.77 -13.96 1.08
CA MSE A 40 -7.22 -12.93 0.20
C MSE A 40 -8.32 -12.10 0.85
O MSE A 40 -9.47 -12.52 0.85
CB MSE A 40 -7.68 -13.59 -1.11
CG MSE A 40 -8.14 -12.66 -2.17
SE MSE A 40 -6.76 -11.41 -2.67
CE MSE A 40 -7.98 -10.02 -3.38
N PHE A 41 -7.96 -10.95 1.43
CA PHE A 41 -8.96 -10.04 2.02
C PHE A 41 -9.58 -9.18 0.92
N GLY A 42 -10.34 -9.84 0.05
CA GLY A 42 -11.08 -9.23 -1.05
C GLY A 42 -12.18 -8.29 -0.65
N ASP A 43 -12.41 -8.11 0.65
CA ASP A 43 -13.36 -7.14 1.13
C ASP A 43 -12.73 -5.99 1.90
N ASN A 44 -11.49 -6.17 2.36
CA ASN A 44 -10.85 -5.12 3.13
C ASN A 44 -10.52 -3.94 2.24
N VAL A 45 -10.69 -2.75 2.83
CA VAL A 45 -10.62 -1.49 2.10
C VAL A 45 -10.17 -0.45 3.11
N LEU A 46 -9.39 0.52 2.64
CA LEU A 46 -9.16 1.74 3.39
C LEU A 46 -9.40 2.88 2.42
N ARG A 47 -10.37 3.73 2.77
CA ARG A 47 -10.83 4.74 1.85
C ARG A 47 -10.76 6.10 2.52
N ILE A 48 -10.28 7.10 1.80
CA ILE A 48 -10.27 8.46 2.28
C ILE A 48 -10.81 9.38 1.19
N GLN A 49 -11.88 10.11 1.50
CA GLN A 49 -12.65 10.86 0.52
C GLN A 49 -12.85 12.27 1.01
N HIS A 50 -13.25 13.15 0.10
CA HIS A 50 -13.60 14.53 0.40
C HIS A 50 -15.11 14.71 0.26
N GLY A 51 -15.60 15.84 0.78
CA GLY A 51 -17.01 16.21 0.62
C GLY A 51 -17.40 16.60 -0.79
N SER A 52 -16.43 16.58 -1.72
CA SER A 52 -16.66 16.74 -3.15
C SER A 52 -16.34 15.45 -3.91
N GLY A 53 -16.57 14.30 -3.28
CA GLY A 53 -16.49 13.02 -3.96
C GLY A 53 -15.09 12.50 -4.22
N PHE A 54 -14.14 13.40 -4.50
CA PHE A 54 -12.79 12.97 -4.87
C PHE A 54 -12.03 12.43 -3.66
N GLY A 55 -11.15 11.47 -3.94
CA GLY A 55 -10.41 10.82 -2.88
C GLY A 55 -9.69 9.61 -3.43
N ILE A 56 -9.28 8.72 -2.52
CA ILE A 56 -8.51 7.55 -2.94
C ILE A 56 -8.74 6.41 -1.94
N GLU A 57 -8.75 5.19 -2.46
CA GLU A 57 -8.97 3.96 -1.70
C GLU A 57 -7.84 2.97 -1.96
N PHE A 58 -7.79 1.93 -1.12
CA PHE A 58 -6.88 0.81 -1.31
C PHE A 58 -7.65 -0.48 -1.08
N ASN A 59 -7.53 -1.41 -2.00
CA ASN A 59 -8.06 -2.76 -1.83
C ASN A 59 -7.12 -3.71 -2.57
N ALA A 60 -7.28 -5.02 -2.28
CA ALA A 60 -6.42 -6.05 -2.83
C ALA A 60 -6.83 -6.50 -4.22
N THR A 61 -8.10 -6.34 -4.60
CA THR A 61 -8.45 -6.64 -5.98
C THR A 61 -7.75 -5.68 -6.93
N ASP A 62 -7.86 -4.38 -6.66
CA ASP A 62 -7.20 -3.40 -7.51
C ASP A 62 -5.69 -3.57 -7.48
N ALA A 63 -5.11 -3.85 -6.31
CA ALA A 63 -3.67 -4.03 -6.21
C ALA A 63 -3.19 -5.19 -7.06
N LEU A 64 -3.96 -6.26 -7.15
CA LEU A 64 -3.50 -7.46 -7.84
C LEU A 64 -3.56 -7.34 -9.35
N ARG A 65 -4.30 -6.36 -9.87
CA ARG A 65 -4.27 -6.09 -11.30
C ARG A 65 -2.96 -5.42 -11.73
N CYS A 66 -2.13 -5.01 -10.77
CA CYS A 66 -0.82 -4.47 -11.05
C CYS A 66 0.30 -5.49 -10.89
N VAL A 67 -0.02 -6.77 -10.89
CA VAL A 67 0.95 -7.85 -10.92
C VAL A 67 1.12 -8.31 -12.38
N ASN A 68 2.34 -8.54 -12.81
CA ASN A 68 2.57 -8.70 -14.24
C ASN A 68 1.89 -9.95 -14.78
N ASN A 69 1.50 -9.88 -16.07
CA ASN A 69 0.91 -11.01 -16.77
C ASN A 69 1.59 -11.26 -18.11
N PRO A 88 3.13 -19.01 -16.99
CA PRO A 88 4.23 -18.18 -16.50
C PRO A 88 3.75 -16.81 -15.99
N TYR A 89 3.58 -16.72 -14.67
CA TYR A 89 3.11 -15.48 -14.05
C TYR A 89 3.95 -15.14 -12.83
N ASP A 90 3.54 -14.12 -12.07
CA ASP A 90 4.28 -13.69 -10.88
C ASP A 90 3.69 -14.35 -9.64
N TRP A 91 4.18 -15.54 -9.30
CA TRP A 91 3.73 -16.26 -8.10
C TRP A 91 4.15 -15.57 -6.81
N THR A 92 4.96 -14.52 -6.91
CA THR A 92 5.31 -13.66 -5.80
C THR A 92 4.22 -12.61 -5.49
N TYR A 93 3.40 -12.24 -6.48
CA TYR A 93 2.42 -11.16 -6.40
C TYR A 93 3.05 -9.79 -6.09
N THR A 94 4.27 -9.52 -6.57
CA THR A 94 4.83 -8.18 -6.48
C THR A 94 3.96 -7.18 -7.21
N THR A 95 3.53 -6.12 -6.52
CA THR A 95 2.63 -5.13 -7.08
C THR A 95 3.16 -3.73 -6.83
N ASP A 96 3.09 -2.86 -7.82
CA ASP A 96 3.43 -1.45 -7.64
C ASP A 96 2.21 -0.55 -7.52
N TYR A 97 1.07 -1.12 -7.14
CA TYR A 97 -0.16 -0.37 -6.94
C TYR A 97 0.03 0.74 -5.92
N LYS A 98 -0.53 1.92 -6.23
CA LYS A 98 -0.33 3.15 -5.45
C LYS A 98 -1.65 3.81 -5.08
N GLY A 99 -2.75 3.06 -5.08
CA GLY A 99 -4.07 3.54 -4.68
C GLY A 99 -5.03 3.62 -5.87
N THR A 100 -6.31 3.81 -5.53
CA THR A 100 -7.40 3.96 -6.50
C THR A 100 -8.08 5.30 -6.30
N LEU A 101 -8.00 6.17 -7.30
CA LEU A 101 -8.64 7.48 -7.24
C LEU A 101 -10.15 7.36 -7.33
N LEU A 102 -10.82 8.16 -6.49
CA LEU A 102 -12.27 8.22 -6.34
C LEU A 102 -12.79 9.52 -6.90
N GLY A 103 -14.11 9.64 -6.90
CA GLY A 103 -14.72 10.85 -7.39
C GLY A 103 -15.33 10.67 -8.76
N GLU A 104 -16.16 11.63 -9.13
CA GLU A 104 -16.81 11.69 -10.42
C GLU A 104 -16.92 13.15 -10.78
N SER A 105 -16.41 13.51 -11.97
CA SER A 105 -16.39 14.88 -12.50
C SER A 105 -15.48 15.79 -11.69
N LEU A 106 -14.87 15.30 -10.62
CA LEU A 106 -13.96 16.08 -9.80
C LEU A 106 -13.01 15.07 -9.20
N LYS A 107 -11.78 15.03 -9.70
CA LYS A 107 -10.82 14.01 -9.29
C LYS A 107 -9.47 14.68 -9.05
N LEU A 108 -8.63 14.00 -8.27
CA LEU A 108 -7.27 14.46 -8.02
C LEU A 108 -6.44 14.24 -9.27
N LYS A 109 -5.69 15.24 -9.67
CA LYS A 109 -4.82 15.11 -10.82
C LYS A 109 -3.40 14.81 -10.36
N VAL A 110 -2.70 13.99 -11.15
CA VAL A 110 -1.40 13.46 -10.79
C VAL A 110 -0.35 14.21 -11.61
N VAL A 111 0.42 15.06 -10.93
CA VAL A 111 1.49 15.85 -11.53
C VAL A 111 2.82 15.47 -10.88
N PRO A 112 3.96 15.50 -11.58
CA PRO A 112 5.23 15.17 -10.92
C PRO A 112 5.80 16.38 -10.17
N THR A 113 6.62 16.10 -9.15
CA THR A 113 7.12 17.19 -8.31
C THR A 113 8.47 16.85 -7.68
N THR A 114 9.06 17.90 -7.07
CA THR A 114 10.32 17.84 -6.33
C THR A 114 10.12 17.60 -4.84
N ASP A 115 8.89 17.73 -4.33
CA ASP A 115 8.60 17.63 -2.90
C ASP A 115 8.76 16.18 -2.44
N HIS A 116 9.82 15.91 -1.67
CA HIS A 116 10.00 14.65 -0.96
C HIS A 116 9.22 14.68 0.35
N ILE A 117 8.91 13.51 0.88
CA ILE A 117 8.30 13.39 2.21
C ILE A 117 9.41 12.96 3.16
N ASP A 118 10.11 13.93 3.75
CA ASP A 118 11.10 13.65 4.80
C ASP A 118 10.37 13.51 6.13
N THR A 119 10.29 12.27 6.65
CA THR A 119 9.34 11.90 7.71
C THR A 119 9.59 12.66 9.02
N GLU A 120 10.58 13.55 9.04
CA GLU A 120 10.83 14.43 10.18
C GLU A 120 10.59 15.90 9.80
N GLU A 126 2.19 16.34 15.00
CA GLU A 126 3.11 15.25 15.31
C GLU A 126 2.56 14.31 16.40
N GLN A 127 1.41 14.63 16.99
CA GLN A 127 0.72 13.75 17.92
C GLN A 127 -0.44 13.04 17.21
N ILE A 128 -0.71 11.80 17.62
CA ILE A 128 -1.63 10.91 16.91
C ILE A 128 -3.03 11.03 17.52
N LYS A 129 -4.01 11.34 16.68
CA LYS A 129 -5.42 11.43 17.04
C LYS A 129 -6.22 10.21 16.61
N PHE A 130 -5.85 9.61 15.48
CA PHE A 130 -6.51 8.42 14.95
C PHE A 130 -5.47 7.57 14.22
N PHE A 131 -5.71 6.25 14.22
CA PHE A 131 -4.88 5.25 13.56
C PHE A 131 -5.68 3.96 13.35
N GLU A 132 -5.50 3.33 12.17
CA GLU A 132 -5.79 1.91 11.98
C GLU A 132 -4.89 1.35 10.88
N GLU A 133 -4.60 0.05 10.97
CA GLU A 133 -3.83 -0.71 9.98
C GLU A 133 -4.74 -1.76 9.33
N VAL A 134 -4.87 -1.70 8.02
CA VAL A 134 -5.71 -2.64 7.28
C VAL A 134 -4.80 -3.58 6.49
N LEU A 135 -5.03 -4.88 6.64
CA LEU A 135 -4.34 -5.89 5.86
C LEU A 135 -5.15 -6.21 4.60
N LEU A 136 -4.46 -6.38 3.46
CA LEU A 136 -5.10 -6.60 2.16
C LEU A 136 -4.87 -8.00 1.58
N PHE A 137 -3.63 -8.50 1.53
CA PHE A 137 -3.48 -9.93 1.25
C PHE A 137 -2.20 -10.46 1.86
N GLU A 138 -2.11 -11.79 1.89
CA GLU A 138 -0.92 -12.49 2.33
C GLU A 138 -0.84 -13.87 1.68
N ASP A 139 0.38 -14.35 1.55
CA ASP A 139 0.68 -15.65 0.96
C ASP A 139 2.01 -16.06 1.53
N GLU A 140 2.17 -17.35 1.81
CA GLU A 140 3.39 -17.88 2.39
C GLU A 140 4.23 -18.65 1.37
N LEU A 141 3.95 -18.49 0.07
CA LEU A 141 4.77 -18.97 -1.05
C LEU A 141 5.17 -20.44 -0.89
N HIS A 142 4.17 -21.27 -0.64
CA HIS A 142 4.34 -22.72 -0.42
C HIS A 142 5.40 -22.98 0.64
N ASP A 143 5.41 -22.14 1.67
CA ASP A 143 6.29 -22.32 2.83
C ASP A 143 7.74 -22.03 2.47
N HIS A 144 7.95 -21.06 1.59
CA HIS A 144 9.29 -20.67 1.20
C HIS A 144 9.54 -19.19 1.47
N GLY A 145 8.56 -18.48 2.03
CA GLY A 145 8.73 -17.08 2.39
C GLY A 145 7.39 -16.45 2.64
N VAL A 146 7.34 -15.12 2.52
CA VAL A 146 6.11 -14.40 2.77
C VAL A 146 5.93 -13.28 1.75
N SER A 147 4.68 -12.94 1.50
CA SER A 147 4.33 -11.92 0.50
C SER A 147 3.09 -11.21 1.00
N SER A 148 3.19 -9.91 1.17
CA SER A 148 2.20 -9.23 1.99
C SER A 148 1.93 -7.83 1.47
N LEU A 149 0.69 -7.40 1.61
CA LEU A 149 0.34 -6.04 1.28
C LEU A 149 -0.51 -5.49 2.39
N SER A 150 -0.09 -4.37 2.98
CA SER A 150 -0.87 -3.79 4.07
C SER A 150 -0.85 -2.27 3.95
N VAL A 151 -1.70 -1.63 4.75
CA VAL A 151 -1.72 -0.18 4.76
C VAL A 151 -2.09 0.36 6.14
N LYS A 152 -1.32 1.36 6.57
CA LYS A 152 -1.53 2.12 7.80
C LYS A 152 -1.93 3.56 7.44
N ILE A 153 -2.58 4.23 8.39
CA ILE A 153 -2.76 5.68 8.29
C ILE A 153 -2.80 6.23 9.70
N ARG A 154 -2.04 7.29 9.95
CA ARG A 154 -2.16 8.03 11.20
C ARG A 154 -2.69 9.42 10.87
N VAL A 155 -3.79 9.79 11.52
CA VAL A 155 -4.40 11.10 11.35
C VAL A 155 -3.98 11.97 12.52
N MSE A 156 -3.67 13.23 12.24
CA MSE A 156 -3.22 14.20 13.25
C MSE A 156 -4.00 15.55 13.19
O MSE A 156 -4.80 15.74 12.28
CB MSE A 156 -1.70 14.43 13.10
CG MSE A 156 -0.84 13.23 13.55
SE MSE A 156 0.75 12.77 12.56
CE MSE A 156 1.55 14.50 12.58
N PRO A 157 -3.82 16.45 14.17
CA PRO A 157 -4.64 17.66 14.17
C PRO A 157 -4.48 18.48 12.92
N SER A 158 -3.30 18.39 12.27
CA SER A 158 -2.92 19.26 11.18
C SER A 158 -2.64 18.53 9.87
N SER A 159 -2.61 17.21 9.86
CA SER A 159 -2.21 16.47 8.67
C SER A 159 -2.64 15.02 8.86
N PHE A 160 -2.44 14.21 7.83
CA PHE A 160 -2.52 12.77 7.99
C PHE A 160 -1.44 12.15 7.12
N PHE A 161 -0.93 11.01 7.57
CA PHE A 161 0.12 10.29 6.90
C PHE A 161 -0.35 8.85 6.69
N LEU A 162 0.08 8.23 5.60
CA LEU A 162 -0.48 6.96 5.14
C LEU A 162 0.61 6.14 4.45
N LEU A 163 0.61 4.82 4.65
CA LEU A 163 1.66 4.00 4.07
C LEU A 163 1.12 2.65 3.62
N LEU A 164 1.20 2.42 2.33
CA LEU A 164 0.86 1.17 1.68
C LEU A 164 2.16 0.46 1.41
N ARG A 165 2.33 -0.72 1.98
CA ARG A 165 3.60 -1.42 1.90
C ARG A 165 3.37 -2.84 1.37
N PHE A 166 4.09 -3.15 0.32
CA PHE A 166 4.21 -4.51 -0.14
C PHE A 166 5.53 -5.04 0.40
N PHE A 167 5.50 -6.23 0.94
CA PHE A 167 6.70 -6.84 1.50
C PHE A 167 6.84 -8.22 0.87
N LEU A 168 8.08 -8.61 0.61
CA LEU A 168 8.31 -9.92 0.03
C LEU A 168 9.65 -10.43 0.53
N ARG A 169 9.61 -11.53 1.25
CA ARG A 169 10.83 -12.27 1.54
C ARG A 169 10.69 -13.63 0.91
N ILE A 170 11.71 -14.06 0.17
CA ILE A 170 11.91 -15.48 -0.10
C ILE A 170 13.04 -15.94 0.80
N ASP A 171 12.76 -16.98 1.60
CA ASP A 171 13.67 -17.52 2.59
C ASP A 171 15.06 -17.72 2.04
N GLY A 172 15.99 -16.93 2.56
CA GLY A 172 17.39 -17.10 2.26
C GLY A 172 17.83 -16.72 0.87
N VAL A 173 16.99 -16.04 0.08
CA VAL A 173 17.47 -15.61 -1.23
C VAL A 173 17.22 -14.12 -1.48
N LEU A 174 16.07 -13.57 -1.07
CA LEU A 174 15.93 -12.13 -1.23
C LEU A 174 14.75 -11.56 -0.46
N ILE A 175 14.78 -10.24 -0.37
CA ILE A 175 13.75 -9.44 0.27
C ILE A 175 13.44 -8.26 -0.64
N ARG A 176 12.16 -7.97 -0.83
CA ARG A 176 11.75 -6.83 -1.62
C ARG A 176 10.69 -6.04 -0.89
N MSE A 177 10.78 -4.71 -0.97
CA MSE A 177 9.82 -3.82 -0.30
C MSE A 177 9.35 -2.65 -1.16
O MSE A 177 10.14 -1.77 -1.50
CB MSE A 177 10.46 -3.28 0.97
CG MSE A 177 9.57 -3.33 2.15
SE MSE A 177 10.53 -3.08 3.85
CE MSE A 177 11.87 -4.46 3.62
N ASN A 178 8.07 -2.63 -1.53
CA ASN A 178 7.50 -1.50 -2.27
C ASN A 178 6.62 -0.69 -1.32
N ASP A 179 7.06 0.53 -0.96
CA ASP A 179 6.29 1.41 -0.09
C ASP A 179 5.64 2.53 -0.93
N THR A 180 4.41 2.89 -0.59
CA THR A 180 3.77 4.09 -1.14
C THR A 180 3.40 4.94 0.05
N ARG A 181 4.08 6.04 0.24
CA ARG A 181 3.78 6.94 1.35
C ARG A 181 2.91 8.08 0.86
N LEU A 182 1.89 8.40 1.61
CA LEU A 182 0.97 9.44 1.22
C LEU A 182 0.80 10.44 2.35
N TYR A 183 0.88 11.72 2.03
CA TYR A 183 0.87 12.74 3.07
C TYR A 183 0.09 13.99 2.66
N HIS A 184 -0.63 14.58 3.61
CA HIS A 184 -1.39 15.79 3.34
C HIS A 184 -1.48 16.66 4.59
N GLU A 185 -1.17 17.95 4.44
CA GLU A 185 -1.26 18.95 5.49
C GLU A 185 -2.43 19.89 5.26
N ALA A 186 -3.01 20.36 6.36
CA ALA A 186 -4.34 20.98 6.36
C ALA A 186 -4.49 22.05 5.29
N ASP A 187 -3.67 23.11 5.34
CA ASP A 187 -3.89 24.24 4.43
C ASP A 187 -3.05 24.18 3.15
N LYS A 188 -2.58 22.99 2.76
CA LYS A 188 -2.03 22.79 1.43
C LYS A 188 -3.12 22.23 0.52
N THR A 189 -3.11 22.65 -0.74
CA THR A 189 -4.13 22.30 -1.74
C THR A 189 -3.74 21.06 -2.56
N TYR A 190 -2.88 20.21 -1.98
CA TYR A 190 -2.30 19.06 -2.65
C TYR A 190 -1.92 18.05 -1.57
N MSE A 191 -1.91 16.78 -1.95
CA MSE A 191 -1.13 15.81 -1.21
C MSE A 191 0.14 15.44 -1.92
O MSE A 191 0.38 15.87 -3.04
CB MSE A 191 -1.90 14.52 -0.96
CG MSE A 191 -3.28 14.70 -0.45
SE MSE A 191 -4.46 13.21 -1.00
CE MSE A 191 -3.92 11.78 0.05
N LEU A 192 0.93 14.60 -1.26
CA LEU A 192 2.18 14.08 -1.79
C LEU A 192 2.12 12.56 -1.77
N ARG A 193 2.42 11.94 -2.89
CA ARG A 193 2.47 10.48 -2.97
C ARG A 193 3.90 10.08 -3.37
N GLU A 194 4.59 9.38 -2.47
CA GLU A 194 5.99 9.01 -2.72
C GLU A 194 6.12 7.50 -2.80
N TYR A 195 6.62 7.00 -3.93
CA TYR A 195 6.79 5.56 -4.14
C TYR A 195 8.27 5.21 -4.02
N THR A 196 8.57 4.15 -3.25
CA THR A 196 9.91 3.61 -3.22
C THR A 196 9.85 2.10 -3.37
N SER A 197 10.81 1.55 -4.08
CA SER A 197 11.04 0.13 -4.16
C SER A 197 12.45 -0.15 -3.68
N ARG A 198 12.55 -1.09 -2.74
CA ARG A 198 13.80 -1.61 -2.25
C ARG A 198 13.86 -3.13 -2.46
N GLU A 199 15.08 -3.63 -2.64
CA GLU A 199 15.32 -5.02 -2.97
C GLU A 199 16.76 -5.32 -2.64
N SER A 200 17.01 -6.49 -2.10
CA SER A 200 18.37 -6.97 -1.95
C SER A 200 18.35 -8.49 -1.98
N LYS A 201 19.34 -9.08 -2.63
CA LYS A 201 19.59 -10.50 -2.44
C LYS A 201 20.12 -10.72 -1.02
N ILE A 202 19.68 -11.79 -0.37
CA ILE A 202 19.90 -11.94 1.06
C ILE A 202 21.37 -12.23 1.35
N ALA A 203 22.03 -13.01 0.48
CA ALA A 203 23.46 -13.30 0.57
C ALA A 203 24.33 -12.06 0.40
N ASN A 204 23.72 -10.90 0.20
CA ASN A 204 24.42 -9.64 0.02
C ASN A 204 24.32 -8.74 1.23
N LEU A 205 23.71 -9.22 2.31
CA LEU A 205 23.54 -8.44 3.52
C LEU A 205 24.43 -9.05 4.58
N MSE A 206 25.60 -8.46 4.80
CA MSE A 206 26.53 -9.08 5.75
C MSE A 206 26.24 -8.65 7.17
O MSE A 206 26.16 -7.47 7.47
CB MSE A 206 27.98 -8.76 5.40
CG MSE A 206 28.63 -9.83 4.56
SE MSE A 206 30.15 -9.10 3.63
CE MSE A 206 31.00 -8.16 5.10
N HIS A 207 26.10 -9.66 8.04
CA HIS A 207 25.90 -9.47 9.48
C HIS A 207 24.63 -8.66 9.77
N VAL A 208 23.51 -9.29 9.45
CA VAL A 208 22.22 -8.78 9.87
C VAL A 208 21.48 -9.95 10.52
N PRO A 209 21.03 -9.81 11.75
CA PRO A 209 20.41 -10.94 12.45
C PRO A 209 19.16 -11.41 11.76
N PRO A 210 18.83 -12.70 11.85
CA PRO A 210 17.69 -13.23 11.07
C PRO A 210 16.33 -12.74 11.54
N SER A 211 16.24 -12.24 12.78
CA SER A 211 15.04 -11.55 13.24
C SER A 211 14.70 -10.36 12.34
N LEU A 212 15.71 -9.73 11.74
CA LEU A 212 15.47 -8.53 10.97
C LEU A 212 14.75 -8.81 9.65
N PHE A 213 14.92 -10.02 9.08
CA PHE A 213 14.13 -10.42 7.92
C PHE A 213 12.65 -10.55 8.25
N THR A 214 12.29 -10.44 9.52
CA THR A 214 10.91 -10.51 9.95
C THR A 214 10.42 -9.19 10.53
N GLU A 215 11.30 -8.20 10.70
CA GLU A 215 10.91 -6.86 11.15
C GLU A 215 11.09 -5.89 9.99
N PRO A 216 10.03 -5.60 9.18
CA PRO A 216 10.20 -4.85 7.92
C PRO A 216 10.40 -3.35 8.06
N ASN A 217 10.04 -2.76 9.20
CA ASN A 217 10.43 -1.38 9.48
C ASN A 217 11.87 -1.26 9.94
N GLU A 218 12.48 -2.38 10.32
CA GLU A 218 13.87 -2.36 10.73
C GLU A 218 14.79 -2.53 9.53
N ILE A 219 14.54 -3.56 8.71
CA ILE A 219 15.46 -3.86 7.61
C ILE A 219 15.31 -2.87 6.47
N SER A 220 14.13 -2.25 6.30
CA SER A 220 13.90 -1.35 5.18
C SER A 220 15.10 -0.44 4.92
N GLN A 221 15.69 0.13 5.99
CA GLN A 221 16.77 1.11 5.97
C GLN A 221 18.12 0.54 5.57
N TYR A 222 18.26 -0.77 5.46
CA TYR A 222 19.55 -1.35 5.07
C TYR A 222 19.51 -1.96 3.67
N LEU A 223 18.42 -1.75 2.94
CA LEU A 223 18.27 -2.22 1.58
C LEU A 223 18.44 -1.07 0.60
N PRO A 224 19.02 -1.34 -0.58
CA PRO A 224 19.11 -0.31 -1.64
C PRO A 224 17.78 0.06 -2.29
N ILE A 225 17.55 1.37 -2.41
CA ILE A 225 16.43 1.93 -3.16
C ILE A 225 16.64 1.72 -4.65
N LYS A 226 15.87 0.83 -5.25
CA LYS A 226 15.95 0.59 -6.69
C LYS A 226 15.21 1.67 -7.49
N GLU A 227 14.04 2.09 -7.00
CA GLU A 227 13.18 3.02 -7.71
C GLU A 227 12.61 4.02 -6.72
N ALA A 228 12.29 5.20 -7.24
CA ALA A 228 11.73 6.25 -6.40
C ALA A 228 10.98 7.22 -7.30
N VAL A 229 9.67 7.41 -7.06
CA VAL A 229 8.85 8.35 -7.82
C VAL A 229 8.10 9.25 -6.85
N CYS A 230 7.97 10.52 -7.20
CA CYS A 230 7.41 11.54 -6.32
C CYS A 230 6.35 12.32 -7.10
N GLU A 231 5.07 12.08 -6.82
CA GLU A 231 4.02 12.89 -7.43
C GLU A 231 3.32 13.77 -6.39
N LYS A 232 2.60 14.74 -6.91
CA LYS A 232 1.81 15.71 -6.15
C LYS A 232 0.37 15.60 -6.64
N LEU A 233 -0.57 15.35 -5.74
CA LEU A 233 -1.97 15.18 -6.15
C LEU A 233 -2.70 16.52 -5.96
N VAL A 234 -2.79 17.31 -7.02
CA VAL A 234 -3.41 18.63 -6.91
C VAL A 234 -4.92 18.48 -6.84
N PHE A 235 -5.55 19.31 -6.00
CA PHE A 235 -6.97 19.19 -5.77
C PHE A 235 -7.74 19.83 -6.92
N PRO A 236 -8.98 19.38 -7.16
CA PRO A 236 -9.88 20.15 -8.02
C PRO A 236 -10.24 21.49 -7.39
N GLU A 237 -10.67 22.42 -8.25
CA GLU A 237 -11.14 23.74 -7.83
C GLU A 237 -12.66 23.81 -7.96
N ARG A 238 -13.35 24.13 -6.86
CA ARG A 238 -14.81 24.23 -6.81
C ARG A 238 -15.50 23.00 -7.39
#